data_5TKK
#
_entry.id   5TKK
#
_cell.length_a   36.237
_cell.length_b   82.233
_cell.length_c   72.264
_cell.angle_alpha   90.000
_cell.angle_beta   90.220
_cell.angle_gamma   90.000
#
_symmetry.space_group_name_H-M   'P 1 21 1'
#
loop_
_entity.id
_entity.type
_entity.pdbx_description
1 polymer 'HIV-1 fusion peptide residue 512-519'
2 polymer 'mouse antibody vFP5.01 heavy chain'
3 polymer 'mouse antibody vFP5.01 light chain'
4 water water
#
loop_
_entity_poly.entity_id
_entity_poly.type
_entity_poly.pdbx_seq_one_letter_code
_entity_poly.pdbx_strand_id
1 'polypeptide(L)' AVGIGAVF A
2 'polypeptide(L)'
;DVQLQESGPGLVKPSQSLSLTCSVTGYSITRAYYWNWIRQFPGNKLEWMGYILYDGRSDYNPSLKNRVSITRDTSKNQFF
LKLNSVTAEDTARYYCTREGNYRAYWGQGTLVTVSAAKTTAPSVYPLAPVCGDTTGSSVTLGCLVKGYFPEPVTLTWNSG
SLSSGVHTFPAVLQSDLYTLSSSVTVTSSTWPSQSITCNVAHPASSTKVDKKIEPRVPIKPC
;
H
3 'polypeptide(L)'
;DIVMTQSQKFMSTSVGDRVSITCKASQNVGSDVAWYQQKPGQSPKLLIYSASNRYTGVPDRFTGSGSGTDFTLTINNMKS
EDLADYFCQQYSSYPLTFGAGTKLELKRADAAPTVSIFPPSSEQLTSGGASVVCFLNNFYPKDINVKWKIDGSERQNGVL
NSWTDQDSKDSTYSMSSTLTLTKDEYERHNSYTCEATHKTSTSPIVKSFNRNEC
;
L
#
# COMPACT_ATOMS: atom_id res chain seq x y z
N ALA A 1 -5.73 1.00 30.71
CA ALA A 1 -4.56 0.88 31.58
C ALA A 1 -3.73 -0.33 31.20
N VAL A 2 -3.92 -0.83 29.98
CA VAL A 2 -3.06 -1.87 29.42
C VAL A 2 -2.41 -1.29 28.19
N GLY A 3 -1.71 -2.14 27.44
CA GLY A 3 -1.03 -1.65 26.24
C GLY A 3 -0.06 -0.54 26.59
N ILE A 4 -0.12 0.53 25.79
CA ILE A 4 0.80 1.64 25.96
C ILE A 4 0.59 2.31 27.31
N GLY A 5 -0.59 2.16 27.89
CA GLY A 5 -0.88 2.77 29.18
C GLY A 5 -0.41 2.00 30.39
N ALA A 6 0.13 0.81 30.22
CA ALA A 6 0.64 0.06 31.35
C ALA A 6 1.97 0.65 31.81
N VAL A 7 2.11 0.77 33.11
CA VAL A 7 3.35 1.31 33.68
C VAL A 7 4.26 0.14 34.00
N PHE A 8 5.55 0.31 33.72
CA PHE A 8 6.54 -0.73 33.95
C PHE A 8 7.74 -0.19 34.74
N VAL B 2 14.28 0.84 20.89
CA VAL B 2 14.06 -0.55 20.53
C VAL B 2 13.82 -0.65 19.00
N GLN B 3 14.29 -1.73 18.38
CA GLN B 3 13.92 -2.02 16.99
C GLN B 3 13.32 -3.41 16.91
N LEU B 4 12.22 -3.53 16.15
CA LEU B 4 11.52 -4.80 15.97
C LEU B 4 11.55 -5.16 14.49
N GLN B 5 11.83 -6.43 14.17
CA GLN B 5 11.82 -6.85 12.77
C GLN B 5 11.14 -8.20 12.61
N GLU B 6 10.05 -8.22 11.83
CA GLU B 6 9.33 -9.44 11.51
C GLU B 6 10.00 -10.20 10.39
N SER B 7 9.94 -11.54 10.46
CA SER B 7 10.47 -12.37 9.39
C SER B 7 9.68 -13.66 9.31
N GLY B 8 9.71 -14.27 8.15
CA GLY B 8 9.09 -15.57 7.98
C GLY B 8 8.60 -15.75 6.58
N PRO B 9 8.02 -16.90 6.28
CA PRO B 9 7.57 -17.14 4.90
C PRO B 9 6.42 -16.23 4.49
N GLY B 10 6.49 -15.70 3.28
CA GLY B 10 5.42 -14.86 2.79
C GLY B 10 4.27 -15.54 2.10
N LEU B 11 4.31 -16.87 1.98
CA LEU B 11 3.26 -17.64 1.35
C LEU B 11 3.07 -18.92 2.17
N VAL B 12 1.82 -19.15 2.56
CA VAL B 12 1.42 -20.27 3.41
C VAL B 12 0.20 -20.91 2.77
N LYS B 13 0.22 -22.24 2.65
CA LYS B 13 -0.90 -22.96 2.08
C LYS B 13 -2.06 -23.04 3.07
N PRO B 14 -3.30 -22.91 2.60
CA PRO B 14 -4.46 -22.96 3.51
C PRO B 14 -4.49 -24.24 4.34
N SER B 15 -4.94 -24.10 5.59
CA SER B 15 -5.06 -25.12 6.64
C SER B 15 -3.74 -25.45 7.31
N GLN B 16 -2.61 -24.97 6.79
CA GLN B 16 -1.33 -25.21 7.43
C GLN B 16 -1.07 -24.10 8.44
N SER B 17 0.08 -24.14 9.09
CA SER B 17 0.36 -23.18 10.14
C SER B 17 1.28 -22.08 9.61
N LEU B 18 0.99 -20.86 10.04
CA LEU B 18 1.78 -19.68 9.74
C LEU B 18 2.68 -19.42 10.95
N SER B 19 3.99 -19.35 10.73
CA SER B 19 4.93 -19.00 11.79
C SER B 19 5.70 -17.76 11.38
N LEU B 20 5.78 -16.81 12.30
CA LEU B 20 6.60 -15.63 12.10
C LEU B 20 7.48 -15.44 13.32
N THR B 21 8.64 -14.85 13.08
CA THR B 21 9.57 -14.48 14.13
C THR B 21 9.66 -12.97 14.22
N CYS B 22 9.65 -12.45 15.44
CA CYS B 22 10.02 -11.07 15.69
C CYS B 22 11.40 -11.04 16.35
N SER B 23 12.38 -10.46 15.66
CA SER B 23 13.71 -10.26 16.25
C SER B 23 13.78 -8.86 16.83
N VAL B 24 14.07 -8.78 18.12
CA VAL B 24 14.16 -7.52 18.83
C VAL B 24 15.62 -7.19 19.09
N THR B 25 16.01 -5.94 18.88
CA THR B 25 17.34 -5.46 19.24
C THR B 25 17.19 -4.11 19.93
N GLY B 26 18.21 -3.73 20.71
CA GLY B 26 18.19 -2.50 21.47
C GLY B 26 17.42 -2.54 22.77
N TYR B 27 16.71 -3.63 23.08
CA TYR B 27 16.01 -3.77 24.35
C TYR B 27 15.78 -5.25 24.65
N SER B 28 15.71 -5.59 25.95
CA SER B 28 15.54 -6.98 26.35
C SER B 28 14.07 -7.33 26.47
N ILE B 29 13.64 -8.41 25.81
CA ILE B 29 12.22 -8.80 25.92
C ILE B 29 11.82 -9.39 27.26
N THR B 30 12.76 -9.62 28.19
CA THR B 30 12.46 -10.08 29.55
C THR B 30 12.47 -8.94 30.55
N ARG B 31 12.77 -7.74 30.11
CA ARG B 31 13.00 -6.61 31.01
C ARG B 31 11.68 -5.93 31.38
N ALA B 32 10.96 -5.45 30.37
CA ALA B 32 9.66 -4.83 30.59
C ALA B 32 8.82 -4.99 29.33
N TYR B 33 7.65 -4.37 29.38
CA TYR B 33 6.53 -4.19 28.46
C TYR B 33 5.76 -5.39 27.91
N TYR B 34 4.90 -5.07 26.96
CA TYR B 34 4.01 -6.00 26.26
C TYR B 34 4.60 -6.15 24.87
N TRP B 35 4.66 -7.37 24.39
CA TRP B 35 5.23 -7.66 23.08
C TRP B 35 4.12 -8.30 22.28
N ASN B 36 3.67 -7.62 21.22
CA ASN B 36 2.41 -7.92 20.58
C ASN B 36 2.63 -8.33 19.14
N TRP B 37 1.63 -9.06 18.65
CA TRP B 37 1.39 -9.25 17.23
C TRP B 37 0.08 -8.60 16.86
N ILE B 38 0.12 -7.77 15.81
CA ILE B 38 -1.04 -7.04 15.30
C ILE B 38 -1.02 -7.20 13.79
N ARG B 39 -2.16 -7.43 13.16
CA ARG B 39 -2.14 -7.56 11.71
C ARG B 39 -3.07 -6.56 11.07
N GLN B 40 -2.74 -6.22 9.83
CA GLN B 40 -3.48 -5.29 9.01
C GLN B 40 -3.98 -5.98 7.76
N PHE B 41 -5.29 -6.00 7.59
CA PHE B 41 -5.92 -6.67 6.46
C PHE B 41 -5.87 -5.83 5.20
N PRO B 42 -6.14 -6.42 4.05
CA PRO B 42 -6.45 -5.61 2.85
C PRO B 42 -7.66 -4.74 3.14
N GLY B 43 -7.56 -3.48 2.81
CA GLY B 43 -8.59 -2.55 3.22
C GLY B 43 -8.26 -1.81 4.49
N ASN B 44 -7.17 -2.19 5.18
CA ASN B 44 -6.44 -1.42 6.18
C ASN B 44 -6.97 -1.58 7.59
N LYS B 45 -7.99 -2.40 7.80
CA LYS B 45 -8.46 -2.68 9.16
C LYS B 45 -7.34 -3.32 9.99
N LEU B 46 -7.22 -2.90 11.25
CA LEU B 46 -6.19 -3.39 12.18
C LEU B 46 -6.83 -4.32 13.20
N GLU B 47 -6.17 -5.45 13.48
CA GLU B 47 -6.63 -6.36 14.53
C GLU B 47 -5.47 -6.76 15.41
N TRP B 48 -5.61 -6.54 16.72
CA TRP B 48 -4.62 -6.99 17.69
C TRP B 48 -4.77 -8.49 17.93
N MET B 49 -3.67 -9.25 17.78
CA MET B 49 -3.73 -10.70 17.87
C MET B 49 -3.45 -11.24 19.28
N GLY B 50 -2.48 -10.69 19.99
CA GLY B 50 -2.13 -11.24 21.28
C GLY B 50 -0.82 -10.63 21.73
N TYR B 51 -0.44 -10.98 22.96
CA TYR B 51 0.80 -10.47 23.53
C TYR B 51 1.52 -11.59 24.26
N ILE B 52 2.83 -11.41 24.41
CA ILE B 52 3.60 -12.07 25.45
C ILE B 52 4.22 -10.98 26.30
N LEU B 53 4.02 -11.07 27.62
CA LEU B 53 4.58 -10.11 28.57
C LEU B 53 6.04 -10.41 28.80
N TYR B 54 6.75 -9.42 29.33
CA TYR B 54 8.16 -9.63 29.68
C TYR B 54 8.38 -10.83 30.61
N ASP B 55 7.37 -11.26 31.37
CA ASP B 55 7.49 -12.38 32.30
C ASP B 55 7.05 -13.71 31.68
N GLY B 56 6.71 -13.69 30.39
CA GLY B 56 6.39 -14.87 29.62
C GLY B 56 4.93 -15.25 29.61
N ARG B 57 4.08 -14.52 30.36
CA ARG B 57 2.63 -14.72 30.27
C ARG B 57 2.12 -14.23 28.93
N SER B 58 1.07 -14.85 28.43
CA SER B 58 0.52 -14.49 27.13
C SER B 58 -1.01 -14.46 27.16
N ASP B 59 -1.58 -13.68 26.25
CA ASP B 59 -3.03 -13.66 26.11
C ASP B 59 -3.37 -13.31 24.67
N TYR B 60 -4.58 -13.66 24.27
CA TYR B 60 -4.94 -13.61 22.85
C TYR B 60 -6.30 -12.95 22.63
N ASN B 61 -6.47 -12.39 21.45
CA ASN B 61 -7.77 -11.90 21.05
C ASN B 61 -8.72 -13.09 20.92
N PRO B 62 -9.89 -13.05 21.59
CA PRO B 62 -10.85 -14.16 21.44
C PRO B 62 -11.24 -14.43 19.98
N SER B 63 -11.20 -13.42 19.12
CA SER B 63 -11.57 -13.66 17.73
C SER B 63 -10.73 -14.75 17.07
N LEU B 64 -9.57 -15.09 17.65
CA LEU B 64 -8.69 -16.08 17.05
C LEU B 64 -8.90 -17.50 17.58
N LYS B 65 -9.86 -17.71 18.48
CA LYS B 65 -10.18 -19.04 19.06
C LYS B 65 -8.93 -19.58 19.78
N ASN B 66 -8.61 -20.87 19.61
CA ASN B 66 -7.37 -21.46 20.08
C ASN B 66 -6.34 -21.52 18.98
N ARG B 67 -6.55 -20.78 17.88
CA ARG B 67 -5.65 -20.91 16.76
C ARG B 67 -4.28 -20.33 17.01
N VAL B 68 -4.12 -19.42 17.97
CA VAL B 68 -2.91 -18.63 18.08
C VAL B 68 -2.10 -18.99 19.33
N SER B 69 -0.77 -18.97 19.16
CA SER B 69 0.22 -19.20 20.22
C SER B 69 1.36 -18.21 20.02
N ILE B 70 1.77 -17.53 21.08
CA ILE B 70 2.91 -16.63 21.07
C ILE B 70 3.92 -17.17 22.10
N THR B 71 5.17 -17.21 21.68
CA THR B 71 6.21 -18.01 22.31
C THR B 71 7.48 -17.17 22.24
N ARG B 72 8.56 -17.54 22.95
CA ARG B 72 9.72 -16.66 22.89
C ARG B 72 11.01 -17.46 23.07
N ASP B 73 12.11 -16.85 22.64
CA ASP B 73 13.46 -17.34 22.88
C ASP B 73 14.24 -16.24 23.57
N THR B 74 14.56 -16.44 24.86
CA THR B 74 15.21 -15.34 25.54
C THR B 74 16.70 -15.29 25.25
N SER B 75 17.31 -16.39 24.82
CA SER B 75 18.71 -16.33 24.40
C SER B 75 18.88 -15.50 23.13
N LYS B 76 17.97 -15.67 22.17
CA LYS B 76 18.06 -14.93 20.91
C LYS B 76 17.29 -13.62 20.93
N ASN B 77 16.58 -13.33 22.03
CA ASN B 77 15.78 -12.11 22.15
C ASN B 77 14.73 -12.02 21.04
N GLN B 78 14.07 -13.15 20.76
CA GLN B 78 13.05 -13.22 19.73
C GLN B 78 11.73 -13.68 20.33
N PHE B 79 10.62 -13.22 19.76
CA PHE B 79 9.37 -13.85 20.11
C PHE B 79 8.64 -14.21 18.82
N PHE B 80 7.67 -15.11 18.95
CA PHE B 80 7.20 -15.88 17.80
C PHE B 80 5.68 -15.91 17.76
N LEU B 81 5.15 -15.93 16.55
CA LEU B 81 3.72 -16.12 16.35
C LEU B 81 3.53 -17.44 15.63
N LYS B 82 2.60 -18.24 16.11
CA LYS B 82 2.08 -19.37 15.35
C LYS B 82 0.57 -19.25 15.27
N LEU B 83 0.04 -19.33 14.07
CA LEU B 83 -1.40 -19.22 13.84
C LEU B 83 -1.80 -20.48 13.10
N ASN B 84 -2.62 -21.32 13.73
CA ASN B 84 -2.94 -22.60 13.10
C ASN B 84 -4.07 -22.48 12.10
N SER B 85 -4.10 -23.42 11.17
CA SER B 85 -5.26 -23.65 10.31
C SER B 85 -5.67 -22.39 9.57
N VAL B 86 -4.74 -21.78 8.85
CA VAL B 86 -5.01 -20.48 8.24
C VAL B 86 -5.88 -20.65 7.01
N THR B 87 -6.61 -19.58 6.71
CA THR B 87 -7.43 -19.46 5.52
C THR B 87 -7.07 -18.15 4.84
N ALA B 88 -7.75 -17.91 3.72
CA ALA B 88 -7.50 -16.72 2.92
C ALA B 88 -7.76 -15.46 3.71
N GLU B 89 -8.66 -15.53 4.70
CA GLU B 89 -8.97 -14.34 5.48
C GLU B 89 -7.86 -14.02 6.46
N ASP B 90 -6.85 -14.86 6.56
CA ASP B 90 -5.66 -14.53 7.34
C ASP B 90 -4.58 -13.84 6.53
N THR B 91 -4.82 -13.59 5.26
CA THR B 91 -3.88 -12.81 4.48
C THR B 91 -3.82 -11.41 5.04
N ALA B 92 -2.62 -10.91 5.29
CA ALA B 92 -2.51 -9.68 6.03
C ALA B 92 -1.03 -9.35 6.09
N ARG B 93 -0.76 -8.11 6.46
CA ARG B 93 0.56 -7.68 6.85
C ARG B 93 0.65 -7.85 8.36
N TYR B 94 1.67 -8.56 8.83
CA TYR B 94 1.80 -8.94 10.25
C TYR B 94 2.86 -8.06 10.90
N TYR B 95 2.49 -7.38 11.97
CA TYR B 95 3.38 -6.48 12.70
C TYR B 95 3.66 -7.00 14.09
N CYS B 96 4.87 -6.78 14.56
CA CYS B 96 5.12 -6.96 15.99
C CYS B 96 5.36 -5.59 16.63
N THR B 97 4.96 -5.44 17.91
CA THR B 97 5.06 -4.14 18.55
C THR B 97 5.55 -4.30 19.99
N ARG B 98 6.14 -3.24 20.55
CA ARG B 98 6.42 -3.16 21.98
C ARG B 98 5.61 -2.01 22.56
N GLU B 99 4.82 -2.30 23.60
CA GLU B 99 3.90 -1.32 24.18
C GLU B 99 4.08 -1.23 25.68
N GLY B 100 4.10 0.00 26.17
CA GLY B 100 4.05 0.29 27.59
C GLY B 100 4.58 1.67 27.87
N ASN B 101 4.33 2.15 29.09
CA ASN B 101 4.86 3.44 29.55
C ASN B 101 4.54 4.58 28.57
N TYR B 102 3.39 4.49 27.91
CA TYR B 102 2.94 5.46 26.91
C TYR B 102 3.90 5.58 25.73
N ARG B 103 4.59 4.49 25.41
CA ARG B 103 5.33 4.36 24.17
C ARG B 103 4.76 3.20 23.35
N ALA B 104 4.84 3.32 22.03
CA ALA B 104 4.49 2.22 21.13
C ALA B 104 5.54 2.18 20.05
N TYR B 105 6.26 1.06 19.91
CA TYR B 105 7.15 0.87 18.76
C TYR B 105 6.64 -0.27 17.87
N TRP B 106 6.69 -0.08 16.56
CA TRP B 106 6.17 -1.08 15.62
C TRP B 106 7.27 -1.50 14.67
N GLY B 107 7.25 -2.77 14.27
CA GLY B 107 8.07 -3.20 13.14
C GLY B 107 7.50 -2.68 11.83
N GLN B 108 8.24 -2.92 10.75
CA GLN B 108 7.83 -2.56 9.40
C GLN B 108 6.75 -3.51 8.88
N GLY B 109 6.63 -4.68 9.48
CA GLY B 109 5.65 -5.65 9.08
C GLY B 109 6.15 -6.57 7.98
N THR B 110 5.46 -7.69 7.85
CA THR B 110 5.78 -8.61 6.77
C THR B 110 4.49 -9.18 6.21
N LEU B 111 4.36 -9.16 4.89
CA LEU B 111 3.17 -9.66 4.26
C LEU B 111 3.17 -11.19 4.26
N VAL B 112 2.02 -11.76 4.60
CA VAL B 112 1.80 -13.18 4.43
C VAL B 112 0.52 -13.37 3.63
N THR B 113 0.64 -14.08 2.53
CA THR B 113 -0.49 -14.45 1.69
C THR B 113 -0.83 -15.89 1.97
N VAL B 114 -2.10 -16.13 2.23
CA VAL B 114 -2.61 -17.48 2.43
C VAL B 114 -3.30 -17.87 1.15
N SER B 115 -2.69 -18.80 0.42
CA SER B 115 -3.23 -19.26 -0.86
C SER B 115 -2.61 -20.60 -1.21
N ALA B 116 -3.31 -21.37 -2.04
CA ALA B 116 -2.75 -22.64 -2.53
C ALA B 116 -1.95 -22.47 -3.81
N ALA B 117 -2.04 -21.31 -4.45
CA ALA B 117 -1.38 -21.09 -5.72
C ALA B 117 0.13 -21.16 -5.57
N LYS B 118 0.81 -21.44 -6.69
CA LYS B 118 2.25 -21.69 -6.68
C LYS B 118 3.01 -20.40 -6.97
N THR B 119 4.19 -20.27 -6.34
CA THR B 119 5.05 -19.11 -6.63
C THR B 119 5.37 -19.06 -8.11
N THR B 120 5.20 -17.88 -8.72
CA THR B 120 5.43 -17.71 -10.14
C THR B 120 6.28 -16.47 -10.35
N ALA B 121 7.33 -16.60 -11.16
CA ALA B 121 8.15 -15.40 -11.39
C ALA B 121 7.53 -14.49 -12.45
N PRO B 122 7.77 -13.18 -12.36
CA PRO B 122 7.19 -12.26 -13.34
C PRO B 122 7.93 -12.25 -14.67
N SER B 123 7.19 -11.86 -15.68
CA SER B 123 7.75 -11.40 -16.95
C SER B 123 7.83 -9.89 -16.89
N VAL B 124 8.93 -9.33 -17.38
CA VAL B 124 9.15 -7.88 -17.34
C VAL B 124 9.24 -7.36 -18.76
N TYR B 125 8.33 -6.46 -19.12
CA TYR B 125 8.28 -5.90 -20.49
C TYR B 125 8.59 -4.42 -20.49
N PRO B 126 9.47 -3.96 -21.36
CA PRO B 126 9.77 -2.54 -21.47
C PRO B 126 8.68 -1.84 -22.28
N LEU B 127 8.31 -0.60 -21.88
CA LEU B 127 7.26 0.16 -22.56
C LEU B 127 7.96 1.37 -23.15
N ALA B 128 8.29 1.32 -24.45
CA ALA B 128 8.88 2.44 -25.11
C ALA B 128 7.80 3.24 -25.81
N PRO B 129 8.01 4.55 -25.98
CA PRO B 129 6.96 5.38 -26.58
C PRO B 129 6.58 4.92 -27.96
N VAL B 130 5.37 5.33 -28.39
CA VAL B 130 4.96 5.08 -29.76
C VAL B 130 5.98 5.63 -30.74
N CYS B 131 6.14 4.89 -31.83
CA CYS B 131 7.05 5.25 -32.90
C CYS B 131 6.47 6.40 -33.72
N GLY B 136 7.41 16.69 -27.69
CA GLY B 136 7.19 17.36 -26.42
C GLY B 136 8.45 17.68 -25.62
N SER B 137 8.25 18.38 -24.50
CA SER B 137 9.36 18.72 -23.62
C SER B 137 9.81 17.53 -22.79
N SER B 138 8.96 16.51 -22.68
CA SER B 138 9.28 15.35 -21.86
C SER B 138 8.92 14.08 -22.63
N VAL B 139 9.46 12.98 -22.17
CA VAL B 139 9.16 11.66 -22.70
C VAL B 139 8.82 10.77 -21.50
N THR B 140 7.77 9.96 -21.62
CA THR B 140 7.40 9.01 -20.58
C THR B 140 7.66 7.61 -21.09
N LEU B 141 8.31 6.81 -20.25
CA LEU B 141 8.64 5.42 -20.51
C LEU B 141 7.98 4.59 -19.43
N GLY B 142 7.86 3.28 -19.67
CA GLY B 142 7.28 2.43 -18.66
C GLY B 142 7.88 1.05 -18.58
N CYS B 143 7.45 0.35 -17.53
CA CYS B 143 7.84 -1.02 -17.25
C CYS B 143 6.58 -1.78 -16.85
N LEU B 144 6.31 -2.89 -17.50
CA LEU B 144 5.15 -3.73 -17.19
C LEU B 144 5.62 -5.06 -16.58
N VAL B 145 5.15 -5.35 -15.37
CA VAL B 145 5.59 -6.54 -14.65
C VAL B 145 4.38 -7.47 -14.50
N LYS B 146 4.40 -8.59 -15.18
CA LYS B 146 3.17 -9.34 -15.36
C LYS B 146 3.31 -10.81 -14.94
N GLY B 147 2.25 -11.35 -14.35
CA GLY B 147 2.15 -12.78 -14.12
C GLY B 147 2.96 -13.37 -12.98
N TYR B 148 3.06 -12.66 -11.86
CA TYR B 148 3.84 -13.13 -10.72
C TYR B 148 2.94 -13.45 -9.53
N PHE B 149 3.51 -14.22 -8.62
CA PHE B 149 2.80 -14.56 -7.40
C PHE B 149 3.82 -15.17 -6.44
N PRO B 150 3.74 -14.79 -5.17
CA PRO B 150 2.86 -13.81 -4.54
C PRO B 150 3.50 -12.40 -4.52
N GLU B 151 2.84 -11.42 -3.91
CA GLU B 151 3.47 -10.15 -3.55
C GLU B 151 4.55 -10.39 -2.50
N PRO B 152 5.53 -9.47 -2.37
CA PRO B 152 5.78 -8.28 -3.18
C PRO B 152 6.79 -8.41 -4.31
N VAL B 153 6.85 -7.37 -5.15
CA VAL B 153 7.98 -7.11 -6.02
C VAL B 153 8.51 -5.75 -5.65
N THR B 154 9.78 -5.50 -5.98
CA THR B 154 10.34 -4.16 -5.85
C THR B 154 10.73 -3.72 -7.24
N LEU B 155 10.53 -2.42 -7.54
CA LEU B 155 10.85 -1.95 -8.86
C LEU B 155 11.56 -0.61 -8.70
N THR B 156 12.69 -0.45 -9.37
CA THR B 156 13.42 0.81 -9.36
C THR B 156 13.82 1.12 -10.78
N TRP B 157 14.30 2.35 -10.98
CA TRP B 157 14.75 2.79 -12.28
C TRP B 157 16.21 3.19 -12.16
N ASN B 158 17.06 2.68 -13.06
CA ASN B 158 18.51 2.94 -13.07
C ASN B 158 19.14 2.72 -11.70
N SER B 159 18.75 1.63 -11.04
CA SER B 159 19.29 1.23 -9.74
C SER B 159 18.97 2.25 -8.65
N GLY B 160 17.81 2.88 -8.74
CA GLY B 160 17.34 3.81 -7.74
C GLY B 160 17.76 5.25 -7.96
N SER B 161 18.83 5.48 -8.73
CA SER B 161 19.29 6.84 -8.99
C SER B 161 18.26 7.67 -9.75
N LEU B 162 17.31 7.02 -10.41
CA LEU B 162 16.18 7.71 -11.03
C LEU B 162 14.95 7.50 -10.15
N SER B 163 14.51 8.55 -9.47
CA SER B 163 13.45 8.47 -8.47
C SER B 163 12.40 9.53 -8.77
N SER B 164 12.83 10.77 -8.96
CA SER B 164 11.90 11.80 -9.37
C SER B 164 11.34 11.49 -10.77
N GLY B 165 10.12 11.90 -11.00
CA GLY B 165 9.47 11.60 -12.25
C GLY B 165 8.92 10.18 -12.37
N VAL B 166 9.04 9.33 -11.32
CA VAL B 166 8.54 7.96 -11.30
C VAL B 166 7.14 7.85 -10.70
N HIS B 167 6.26 7.04 -11.30
CA HIS B 167 5.02 6.64 -10.66
C HIS B 167 4.98 5.12 -10.71
N THR B 168 4.91 4.48 -9.56
CA THR B 168 4.77 3.02 -9.52
C THR B 168 3.39 2.67 -8.99
N PHE B 169 2.66 1.84 -9.75
CA PHE B 169 1.25 1.60 -9.56
C PHE B 169 1.04 0.33 -8.77
N PRO B 170 0.16 0.34 -7.77
CA PRO B 170 -0.05 -0.87 -6.97
C PRO B 170 -0.41 -2.07 -7.83
N ALA B 171 0.08 -3.23 -7.42
CA ALA B 171 -0.21 -4.45 -8.13
C ALA B 171 -1.69 -4.84 -7.97
N VAL B 172 -2.22 -5.46 -9.01
CA VAL B 172 -3.59 -5.97 -8.96
C VAL B 172 -3.56 -7.40 -9.42
N LEU B 173 -4.42 -8.21 -8.82
CA LEU B 173 -4.53 -9.63 -9.13
C LEU B 173 -5.46 -9.83 -10.32
N GLN B 174 -4.94 -10.40 -11.41
CA GLN B 174 -5.74 -10.79 -12.57
C GLN B 174 -5.55 -12.29 -12.78
N SER B 175 -6.65 -12.99 -13.03
CA SER B 175 -6.66 -14.46 -12.93
C SER B 175 -6.09 -14.86 -11.58
N ASP B 176 -5.02 -15.65 -11.59
CA ASP B 176 -4.33 -16.08 -10.38
C ASP B 176 -3.08 -15.25 -10.09
N LEU B 177 -2.77 -14.23 -10.89
CA LEU B 177 -1.44 -13.64 -10.94
C LEU B 177 -1.51 -12.13 -10.82
N TYR B 178 -0.41 -11.55 -10.36
CA TYR B 178 -0.34 -10.11 -10.19
C TYR B 178 0.27 -9.40 -11.39
N THR B 179 -0.19 -8.18 -11.59
CA THR B 179 0.39 -7.28 -12.58
C THR B 179 0.65 -5.96 -11.91
N LEU B 180 1.80 -5.37 -12.23
CA LEU B 180 2.24 -4.08 -11.74
C LEU B 180 2.88 -3.31 -12.88
N SER B 181 2.80 -1.98 -12.83
CA SER B 181 3.46 -1.18 -13.84
C SER B 181 4.07 0.03 -13.17
N SER B 182 4.99 0.67 -13.89
CA SER B 182 5.62 1.89 -13.39
C SER B 182 5.94 2.75 -14.59
N SER B 183 5.81 4.06 -14.42
CA SER B 183 6.20 5.00 -15.47
C SER B 183 7.31 5.89 -14.96
N VAL B 184 8.12 6.35 -15.89
CA VAL B 184 9.13 7.38 -15.57
C VAL B 184 9.14 8.43 -16.68
N THR B 185 9.24 9.69 -16.25
CA THR B 185 9.19 10.84 -17.15
C THR B 185 10.50 11.61 -17.03
N VAL B 186 11.15 11.87 -18.18
CA VAL B 186 12.45 12.53 -18.26
C VAL B 186 12.36 13.59 -19.34
N THR B 187 13.34 14.51 -19.36
CA THR B 187 13.39 15.48 -20.45
C THR B 187 13.60 14.78 -21.79
N SER B 188 13.07 15.41 -22.86
CA SER B 188 12.99 14.71 -24.15
C SER B 188 14.36 14.39 -24.77
N SER B 189 15.40 15.18 -24.49
CA SER B 189 16.73 14.83 -25.01
C SER B 189 17.50 13.84 -24.13
N THR B 190 16.97 13.45 -22.97
CA THR B 190 17.67 12.47 -22.11
C THR B 190 17.75 11.10 -22.78
N TRP B 191 16.61 10.60 -23.23
CA TRP B 191 16.49 9.27 -23.75
C TRP B 191 16.12 9.37 -25.23
N PRO B 192 16.57 8.41 -26.06
CA PRO B 192 17.36 7.21 -25.79
C PRO B 192 18.88 7.33 -25.58
N SER B 193 19.47 8.49 -25.78
CA SER B 193 20.94 8.53 -25.73
C SER B 193 21.45 8.09 -24.36
N GLN B 194 20.80 8.51 -23.28
CA GLN B 194 21.08 7.95 -21.95
C GLN B 194 20.21 6.73 -21.70
N SER B 195 20.82 5.69 -21.13
CA SER B 195 20.12 4.44 -20.83
C SER B 195 19.15 4.61 -19.67
N ILE B 196 17.98 3.98 -19.82
CA ILE B 196 16.98 3.90 -18.76
C ILE B 196 16.55 2.45 -18.66
N THR B 197 16.76 1.85 -17.48
CA THR B 197 16.52 0.44 -17.21
C THR B 197 15.56 0.32 -16.03
N CYS B 198 14.60 -0.59 -16.11
CA CYS B 198 13.82 -0.88 -14.91
C CYS B 198 14.37 -2.12 -14.24
N ASN B 199 14.55 -2.05 -12.92
CA ASN B 199 15.12 -3.13 -12.11
C ASN B 199 14.01 -3.76 -11.28
N VAL B 200 13.75 -5.04 -11.52
CA VAL B 200 12.60 -5.73 -10.94
C VAL B 200 13.14 -6.88 -10.10
N ALA B 201 12.72 -6.95 -8.84
CA ALA B 201 13.09 -8.04 -7.95
C ALA B 201 11.83 -8.71 -7.43
N HIS B 202 11.80 -10.04 -7.48
CA HIS B 202 10.70 -10.81 -6.91
C HIS B 202 11.31 -11.84 -5.97
N PRO B 203 11.45 -11.51 -4.69
CA PRO B 203 12.19 -12.40 -3.81
C PRO B 203 11.62 -13.79 -3.73
N ALA B 204 10.28 -13.95 -3.78
CA ALA B 204 9.69 -15.28 -3.63
C ALA B 204 10.21 -16.26 -4.69
N SER B 205 10.44 -15.79 -5.90
CA SER B 205 10.96 -16.65 -6.96
C SER B 205 12.46 -16.51 -7.16
N SER B 206 13.14 -15.75 -6.30
CA SER B 206 14.55 -15.39 -6.49
C SER B 206 14.79 -14.84 -7.91
N THR B 207 13.95 -13.88 -8.31
CA THR B 207 14.03 -13.27 -9.63
C THR B 207 14.62 -11.88 -9.47
N LYS B 208 15.61 -11.58 -10.30
CA LYS B 208 16.13 -10.21 -10.43
C LYS B 208 16.34 -9.96 -11.92
N VAL B 209 15.65 -8.97 -12.45
CA VAL B 209 15.69 -8.67 -13.88
C VAL B 209 16.02 -7.20 -14.05
N ASP B 210 16.85 -6.89 -15.05
CA ASP B 210 17.08 -5.50 -15.43
C ASP B 210 16.71 -5.39 -16.90
N LYS B 211 15.67 -4.60 -17.19
CA LYS B 211 15.15 -4.43 -18.54
C LYS B 211 15.47 -3.04 -19.03
N LYS B 212 16.32 -2.96 -20.04
CA LYS B 212 16.59 -1.70 -20.71
C LYS B 212 15.40 -1.30 -21.60
N ILE B 213 15.01 -0.03 -21.55
CA ILE B 213 13.96 0.46 -22.44
C ILE B 213 14.66 0.91 -23.73
N GLU B 214 14.46 0.15 -24.79
CA GLU B 214 14.98 0.40 -26.13
C GLU B 214 13.94 1.11 -27.00
N PRO B 215 14.32 2.06 -27.84
CA PRO B 215 13.35 2.63 -28.77
C PRO B 215 12.79 1.58 -29.73
N ARG B 216 11.56 1.82 -30.18
CA ARG B 216 10.90 0.94 -31.13
C ARG B 216 11.46 1.19 -32.52
N VAL B 217 11.29 0.18 -33.38
CA VAL B 217 11.78 0.23 -34.76
C VAL B 217 10.67 0.79 -35.65
N PRO B 218 10.93 1.87 -36.42
CA PRO B 218 10.01 2.46 -37.41
C PRO B 218 9.61 1.47 -38.52
N ASP C 1 -15.39 -6.97 23.72
CA ASP C 1 -15.34 -6.30 22.42
C ASP C 1 -15.77 -4.85 22.54
N ILE C 2 -14.90 -3.99 23.06
CA ILE C 2 -15.14 -2.56 22.95
C ILE C 2 -14.97 -2.15 21.50
N VAL C 3 -16.00 -1.56 20.91
CA VAL C 3 -16.02 -1.19 19.50
C VAL C 3 -15.73 0.30 19.38
N MET C 4 -14.72 0.63 18.57
CA MET C 4 -14.30 2.01 18.34
C MET C 4 -14.84 2.40 16.96
N THR C 5 -15.80 3.30 16.93
CA THR C 5 -16.38 3.72 15.67
C THR C 5 -15.82 5.10 15.33
N GLN C 6 -15.22 5.20 14.14
CA GLN C 6 -14.78 6.47 13.58
C GLN C 6 -15.84 7.03 12.66
N SER C 7 -15.93 8.36 12.64
CA SER C 7 -17.00 9.06 11.93
C SER C 7 -17.11 8.66 10.47
N GLN C 8 -16.18 9.10 9.64
CA GLN C 8 -16.30 8.88 8.21
C GLN C 8 -15.00 8.30 7.70
N LYS C 9 -15.09 7.47 6.66
CA LYS C 9 -13.92 6.74 6.15
C LYS C 9 -12.99 7.63 5.32
N PHE C 10 -13.53 8.65 4.66
CA PHE C 10 -12.78 9.53 3.75
C PHE C 10 -13.19 10.98 3.99
N MET C 11 -12.20 11.85 4.14
CA MET C 11 -12.51 13.26 4.35
C MET C 11 -11.65 14.09 3.43
N SER C 12 -12.28 15.03 2.73
CA SER C 12 -11.57 15.98 1.89
C SER C 12 -11.30 17.26 2.68
N THR C 13 -10.09 17.80 2.51
CA THR C 13 -9.63 18.95 3.28
C THR C 13 -8.78 19.83 2.37
N SER C 14 -8.54 21.06 2.81
CA SER C 14 -7.58 21.95 2.16
C SER C 14 -6.46 22.33 3.11
N VAL C 15 -5.29 22.56 2.52
CA VAL C 15 -4.11 23.00 3.26
C VAL C 15 -4.43 24.28 4.02
N GLY C 16 -4.19 24.27 5.33
CA GLY C 16 -4.48 25.40 6.18
C GLY C 16 -5.80 25.31 6.92
N ASP C 17 -6.64 24.33 6.59
CA ASP C 17 -7.89 24.16 7.30
C ASP C 17 -7.72 23.28 8.51
N ARG C 18 -8.48 23.58 9.55
CA ARG C 18 -8.63 22.67 10.68
C ARG C 18 -9.45 21.47 10.24
N VAL C 19 -9.01 20.27 10.66
CA VAL C 19 -9.77 19.06 10.42
C VAL C 19 -9.86 18.30 11.74
N SER C 20 -11.03 17.73 11.99
CA SER C 20 -11.25 17.01 13.24
C SER C 20 -11.80 15.63 12.93
N ILE C 21 -11.18 14.60 13.52
CA ILE C 21 -11.59 13.22 13.39
C ILE C 21 -12.14 12.80 14.74
N THR C 22 -13.18 11.98 14.74
CA THR C 22 -13.86 11.61 15.97
C THR C 22 -13.97 10.10 16.07
N CYS C 23 -13.98 9.64 17.32
CA CYS C 23 -14.06 8.22 17.63
C CYS C 23 -14.95 8.08 18.84
N LYS C 24 -15.92 7.18 18.76
CA LYS C 24 -16.88 6.95 19.84
C LYS C 24 -16.73 5.53 20.35
N ALA C 25 -16.44 5.42 21.64
CA ALA C 25 -16.20 4.11 22.23
C ALA C 25 -17.52 3.53 22.71
N SER C 26 -17.66 2.21 22.57
CA SER C 26 -18.89 1.53 22.98
C SER C 26 -19.05 1.54 24.50
N GLN C 27 -17.96 1.42 25.25
CA GLN C 27 -18.03 1.53 26.71
C GLN C 27 -17.17 2.69 27.16
N ASN C 28 -17.13 2.92 28.46
CA ASN C 28 -16.37 4.04 29.01
C ASN C 28 -14.92 3.61 29.14
N VAL C 29 -14.05 4.23 28.36
CA VAL C 29 -12.62 3.93 28.37
C VAL C 29 -11.81 4.98 29.11
N GLY C 30 -12.46 5.98 29.68
CA GLY C 30 -11.71 6.96 30.45
C GLY C 30 -10.87 7.80 29.51
N SER C 31 -9.59 7.96 29.84
CA SER C 31 -8.64 8.66 29.00
C SER C 31 -7.78 7.72 28.14
N ASP C 32 -8.03 6.41 28.17
CA ASP C 32 -7.04 5.49 27.62
C ASP C 32 -7.39 5.29 26.16
N VAL C 33 -6.83 6.17 25.35
CA VAL C 33 -7.05 6.19 23.91
C VAL C 33 -5.82 6.80 23.28
N ALA C 34 -5.45 6.24 22.14
CA ALA C 34 -4.32 6.67 21.36
C ALA C 34 -4.85 6.94 19.96
N TRP C 35 -4.26 7.91 19.31
CA TRP C 35 -4.46 8.09 17.86
C TRP C 35 -3.19 7.67 17.14
N TYR C 36 -3.36 6.97 16.01
CA TYR C 36 -2.26 6.55 15.15
C TYR C 36 -2.36 7.19 13.77
N GLN C 37 -1.21 7.53 13.23
CA GLN C 37 -1.08 8.04 11.88
C GLN C 37 -0.40 6.98 11.04
N GLN C 38 -0.92 6.71 9.83
CA GLN C 38 -0.29 5.74 8.96
C GLN C 38 -0.18 6.30 7.56
N LYS C 39 1.02 6.46 7.11
CA LYS C 39 1.24 6.90 5.74
C LYS C 39 1.42 5.67 4.84
N PRO C 40 1.16 5.78 3.52
CA PRO C 40 1.30 4.59 2.67
C PRO C 40 2.69 3.98 2.77
N GLY C 41 2.74 2.65 2.78
CA GLY C 41 4.03 2.00 2.86
C GLY C 41 4.72 2.07 4.20
N GLN C 42 4.05 2.59 5.23
CA GLN C 42 4.66 2.68 6.55
C GLN C 42 3.78 1.99 7.58
N SER C 43 4.37 1.63 8.70
CA SER C 43 3.61 1.15 9.83
C SER C 43 2.89 2.31 10.51
N PRO C 44 1.81 2.04 11.24
CA PRO C 44 1.18 3.11 12.01
C PRO C 44 2.15 3.67 13.03
N LYS C 45 2.01 4.95 13.31
CA LYS C 45 2.86 5.63 14.28
C LYS C 45 1.99 6.32 15.30
N LEU C 46 2.32 6.14 16.57
CA LEU C 46 1.58 6.79 17.62
C LEU C 46 1.70 8.30 17.52
N LEU C 47 0.57 8.98 17.67
CA LEU C 47 0.46 10.42 17.53
C LEU C 47 0.07 11.08 18.84
N ILE C 48 -1.08 10.68 19.40
CA ILE C 48 -1.63 11.16 20.66
C ILE C 48 -1.74 9.96 21.59
N TYR C 49 -1.36 10.14 22.86
CA TYR C 49 -1.59 9.13 23.88
C TYR C 49 -2.33 9.77 25.04
N SER C 50 -2.97 8.93 25.86
CA SER C 50 -3.82 9.40 26.96
C SER C 50 -4.73 10.53 26.47
N ALA C 51 -5.17 10.41 25.22
CA ALA C 51 -6.20 11.22 24.58
C ALA C 51 -5.79 12.65 24.26
N SER C 52 -4.89 13.24 25.06
CA SER C 52 -4.52 14.64 24.92
C SER C 52 -3.05 14.92 24.68
N ASN C 53 -2.18 13.92 24.73
CA ASN C 53 -0.75 14.17 24.84
C ASN C 53 -0.04 13.84 23.53
N ARG C 54 0.67 14.83 22.99
CA ARG C 54 1.45 14.59 21.79
C ARG C 54 2.64 13.69 22.09
N TYR C 55 2.88 12.73 21.22
CA TYR C 55 4.02 11.86 21.40
C TYR C 55 5.30 12.59 20.98
N THR C 56 6.44 11.96 21.26
CA THR C 56 7.73 12.58 20.96
C THR C 56 7.87 12.86 19.47
N GLY C 57 8.18 14.11 19.14
CA GLY C 57 8.37 14.51 17.75
C GLY C 57 7.13 15.00 17.04
N VAL C 58 5.95 14.78 17.61
CA VAL C 58 4.69 15.15 16.96
C VAL C 58 4.54 16.66 16.97
N PRO C 59 4.14 17.29 15.85
CA PRO C 59 4.05 18.75 15.79
C PRO C 59 2.88 19.29 16.59
N ASP C 60 3.06 20.53 17.07
CA ASP C 60 2.07 21.19 17.91
C ASP C 60 0.70 21.33 17.24
N ARG C 61 0.63 21.32 15.91
CA ARG C 61 -0.68 21.48 15.28
C ARG C 61 -1.61 20.30 15.58
N PHE C 62 -1.09 19.18 16.05
CA PHE C 62 -1.92 18.02 16.43
C PHE C 62 -2.35 18.15 17.88
N THR C 63 -3.67 18.14 18.11
CA THR C 63 -4.21 18.09 19.45
C THR C 63 -5.27 17.00 19.51
N GLY C 64 -5.51 16.50 20.71
CA GLY C 64 -6.57 15.54 20.93
C GLY C 64 -7.18 15.86 22.27
N SER C 65 -8.39 15.33 22.47
CA SER C 65 -9.16 15.62 23.68
C SER C 65 -10.30 14.61 23.78
N GLY C 66 -11.09 14.73 24.83
CA GLY C 66 -12.23 13.88 25.07
C GLY C 66 -12.02 12.94 26.25
N SER C 67 -13.14 12.38 26.70
CA SER C 67 -13.18 11.40 27.78
C SER C 67 -14.45 10.59 27.61
N GLY C 68 -14.62 9.60 28.49
CA GLY C 68 -15.83 8.81 28.39
C GLY C 68 -15.88 7.95 27.14
N THR C 69 -16.90 8.17 26.30
CA THR C 69 -17.07 7.52 25.01
C THR C 69 -16.73 8.38 23.79
N ASP C 70 -16.27 9.64 23.96
CA ASP C 70 -16.10 10.58 22.85
C ASP C 70 -14.68 11.17 22.81
N PHE C 71 -14.03 11.07 21.65
CA PHE C 71 -12.66 11.50 21.51
C PHE C 71 -12.47 12.16 20.16
N THR C 72 -11.61 13.18 20.12
CA THR C 72 -11.34 13.93 18.90
C THR C 72 -9.84 14.11 18.71
N LEU C 73 -9.40 13.87 17.50
CA LEU C 73 -8.09 14.30 17.03
C LEU C 73 -8.29 15.57 16.19
N THR C 74 -7.49 16.60 16.47
CA THR C 74 -7.60 17.85 15.73
C THR C 74 -6.30 18.15 15.00
N ILE C 75 -6.41 18.39 13.70
CA ILE C 75 -5.34 18.97 12.90
C ILE C 75 -5.65 20.46 12.77
N ASN C 76 -4.84 21.29 13.40
CA ASN C 76 -4.91 22.71 13.16
C ASN C 76 -3.95 23.05 12.03
N ASN C 77 -4.44 23.81 11.05
CA ASN C 77 -3.61 24.18 9.91
C ASN C 77 -3.04 22.92 9.24
N MET C 78 -3.93 22.22 8.53
CA MET C 78 -3.54 21.04 7.76
C MET C 78 -2.34 21.33 6.86
N LYS C 79 -1.42 20.37 6.80
CA LYS C 79 -0.31 20.46 5.88
C LYS C 79 -0.32 19.26 4.96
N SER C 80 0.39 19.38 3.83
CA SER C 80 0.46 18.28 2.88
C SER C 80 1.11 17.05 3.51
N GLU C 81 2.06 17.26 4.43
CA GLU C 81 2.73 16.12 5.05
C GLU C 81 1.83 15.36 6.02
N ASP C 82 0.64 15.89 6.29
CA ASP C 82 -0.36 15.23 7.12
C ASP C 82 -1.30 14.33 6.33
N LEU C 83 -1.12 14.21 5.02
CA LEU C 83 -1.87 13.23 4.24
C LEU C 83 -1.55 11.83 4.74
N ALA C 84 -2.56 11.10 5.19
CA ALA C 84 -2.33 9.85 5.87
C ALA C 84 -3.68 9.23 6.24
N ASP C 85 -3.61 8.02 6.75
CA ASP C 85 -4.75 7.39 7.38
C ASP C 85 -4.58 7.53 8.89
N TYR C 86 -5.66 7.82 9.59
CA TYR C 86 -5.64 7.94 11.05
C TYR C 86 -6.58 6.93 11.68
N PHE C 87 -6.15 6.35 12.81
CA PHE C 87 -6.86 5.28 13.53
C PHE C 87 -6.87 5.64 15.01
N CYS C 88 -8.06 5.60 15.63
CA CYS C 88 -8.14 5.62 17.09
C CYS C 88 -7.92 4.22 17.65
N GLN C 89 -7.44 4.16 18.91
CA GLN C 89 -7.25 2.88 19.55
C GLN C 89 -7.60 3.01 21.03
N GLN C 90 -8.27 2.01 21.58
CA GLN C 90 -8.48 1.97 23.04
C GLN C 90 -7.55 0.92 23.64
N TYR C 91 -6.85 1.31 24.72
CA TYR C 91 -6.05 0.42 25.55
C TYR C 91 -6.63 0.21 26.95
N SER C 92 -7.91 0.54 27.16
CA SER C 92 -8.51 0.31 28.48
C SER C 92 -8.40 -1.15 28.92
N SER C 93 -8.74 -2.08 28.04
CA SER C 93 -8.63 -3.50 28.35
C SER C 93 -8.40 -4.30 27.06
N TYR C 94 -7.93 -5.54 27.23
CA TYR C 94 -7.78 -6.43 26.08
C TYR C 94 -9.11 -7.08 25.80
N PRO C 95 -9.38 -7.38 24.53
CA PRO C 95 -8.47 -7.09 23.41
C PRO C 95 -8.40 -5.61 23.01
N LEU C 96 -7.20 -5.14 22.66
CA LEU C 96 -7.08 -3.81 22.05
C LEU C 96 -7.96 -3.77 20.80
N THR C 97 -8.57 -2.62 20.58
CA THR C 97 -9.46 -2.42 19.45
C THR C 97 -9.19 -1.07 18.81
N PHE C 98 -9.20 -1.07 17.48
CA PHE C 98 -8.96 0.11 16.68
C PHE C 98 -10.22 0.57 15.97
N GLY C 99 -10.31 1.88 15.77
CA GLY C 99 -11.25 2.40 14.80
C GLY C 99 -10.91 1.96 13.40
N ALA C 100 -11.90 2.09 12.52
CA ALA C 100 -11.79 1.61 11.15
C ALA C 100 -10.85 2.44 10.31
N GLY C 101 -10.49 3.64 10.78
CA GLY C 101 -9.54 4.50 10.10
C GLY C 101 -10.22 5.52 9.21
N THR C 102 -9.62 6.70 9.15
CA THR C 102 -10.10 7.77 8.30
C THR C 102 -8.96 8.14 7.37
N LYS C 103 -9.25 8.25 6.08
CA LYS C 103 -8.27 8.67 5.09
C LYS C 103 -8.49 10.13 4.76
N LEU C 104 -7.45 10.95 4.89
CA LEU C 104 -7.56 12.35 4.48
C LEU C 104 -7.20 12.48 3.00
N GLU C 105 -7.93 13.34 2.30
CA GLU C 105 -7.56 13.76 0.95
C GLU C 105 -7.35 15.26 0.96
N LEU C 106 -6.39 15.74 0.17
CA LEU C 106 -6.23 17.18 -0.03
C LEU C 106 -6.97 17.63 -1.29
N LYS C 107 -7.62 18.77 -1.19
CA LYS C 107 -8.23 19.42 -2.36
C LYS C 107 -7.20 20.29 -3.03
N ARG C 108 -7.27 20.34 -4.36
CA ARG C 108 -6.39 21.18 -5.15
C ARG C 108 -7.15 21.60 -6.40
N ALA C 109 -6.58 22.57 -7.11
CA ALA C 109 -7.11 22.95 -8.42
C ALA C 109 -7.16 21.73 -9.33
N ASP C 110 -8.24 21.60 -10.08
CA ASP C 110 -8.37 20.52 -11.05
C ASP C 110 -7.20 20.53 -12.01
N ALA C 111 -6.70 19.34 -12.33
CA ALA C 111 -5.60 19.22 -13.25
C ALA C 111 -5.91 18.09 -14.22
N ALA C 112 -5.73 18.35 -15.50
CA ALA C 112 -5.99 17.32 -16.48
C ALA C 112 -4.82 16.36 -16.54
N PRO C 113 -5.06 15.09 -16.86
CA PRO C 113 -3.96 14.13 -16.89
C PRO C 113 -3.07 14.32 -18.11
N THR C 114 -1.80 13.95 -17.98
CA THR C 114 -0.94 13.80 -19.14
C THR C 114 -1.00 12.33 -19.51
N VAL C 115 -1.41 12.02 -20.74
CA VAL C 115 -1.76 10.66 -21.16
C VAL C 115 -0.72 10.16 -22.15
N SER C 116 -0.24 8.94 -21.95
CA SER C 116 0.77 8.30 -22.80
C SER C 116 0.29 6.89 -23.12
N ILE C 117 0.35 6.49 -24.37
CA ILE C 117 -0.06 5.13 -24.76
C ILE C 117 1.14 4.31 -25.24
N PHE C 118 1.13 3.01 -24.91
CA PHE C 118 2.21 2.07 -25.21
C PHE C 118 1.69 0.83 -25.90
N PRO C 119 2.04 0.55 -27.16
CA PRO C 119 1.73 -0.76 -27.75
C PRO C 119 2.47 -1.89 -27.05
N PRO C 120 2.06 -3.13 -27.29
CA PRO C 120 2.80 -4.26 -26.75
C PRO C 120 4.27 -4.17 -27.12
N SER C 121 5.12 -4.61 -26.19
CA SER C 121 6.54 -4.72 -26.49
C SER C 121 6.77 -5.88 -27.44
N SER C 122 7.83 -5.77 -28.23
CA SER C 122 8.22 -6.91 -29.06
C SER C 122 8.47 -8.14 -28.23
N GLU C 123 9.01 -7.99 -27.04
CA GLU C 123 9.27 -9.14 -26.17
C GLU C 123 7.97 -9.85 -25.79
N GLN C 124 6.93 -9.10 -25.39
CA GLN C 124 5.66 -9.72 -25.07
C GLN C 124 5.03 -10.39 -26.29
N LEU C 125 5.06 -9.70 -27.45
CA LEU C 125 4.49 -10.28 -28.66
C LEU C 125 5.24 -11.54 -29.06
N THR C 126 6.56 -11.54 -28.90
CA THR C 126 7.33 -12.74 -29.29
C THR C 126 6.95 -13.92 -28.42
N SER C 127 6.67 -13.68 -27.15
CA SER C 127 6.30 -14.75 -26.23
C SER C 127 4.83 -15.14 -26.38
N GLY C 128 4.10 -14.47 -27.24
CA GLY C 128 2.75 -14.85 -27.55
C GLY C 128 1.65 -14.09 -26.84
N GLY C 129 1.98 -13.03 -26.09
CA GLY C 129 1.00 -12.19 -25.43
C GLY C 129 0.87 -10.79 -26.02
N ALA C 130 -0.20 -10.09 -25.59
CA ALA C 130 -0.34 -8.68 -25.98
C ALA C 130 -1.01 -7.89 -24.87
N SER C 131 -0.36 -6.81 -24.37
CA SER C 131 -0.94 -5.86 -23.45
C SER C 131 -0.69 -4.47 -23.98
N VAL C 132 -1.71 -3.63 -23.90
CA VAL C 132 -1.62 -2.23 -24.28
C VAL C 132 -1.73 -1.41 -22.99
N VAL C 133 -0.87 -0.41 -22.79
CA VAL C 133 -0.84 0.34 -21.54
C VAL C 133 -1.05 1.82 -21.79
N CYS C 134 -1.83 2.43 -20.94
CA CYS C 134 -2.10 3.86 -20.97
C CYS C 134 -1.74 4.40 -19.58
N PHE C 135 -0.83 5.36 -19.48
CA PHE C 135 -0.58 6.02 -18.21
C PHE C 135 -1.30 7.35 -18.22
N LEU C 136 -1.96 7.68 -17.11
CA LEU C 136 -2.61 8.98 -16.94
C LEU C 136 -1.98 9.65 -15.72
N ASN C 137 -1.14 10.66 -15.96
CA ASN C 137 -0.28 11.12 -14.86
C ASN C 137 -0.65 12.52 -14.40
N ASN C 138 -0.60 12.68 -13.06
CA ASN C 138 -0.67 13.97 -12.34
C ASN C 138 -1.98 14.71 -12.63
N PHE C 139 -3.06 14.11 -12.17
CA PHE C 139 -4.39 14.69 -12.38
C PHE C 139 -5.14 14.80 -11.05
N TYR C 140 -6.24 15.54 -11.11
CA TYR C 140 -7.11 15.74 -9.98
C TYR C 140 -8.37 16.32 -10.54
N PRO C 141 -9.51 15.81 -10.07
CA PRO C 141 -9.71 14.83 -8.99
C PRO C 141 -9.51 13.36 -9.40
N LYS C 142 -9.72 12.45 -8.45
CA LYS C 142 -9.34 11.04 -8.64
C LYS C 142 -10.23 10.32 -9.64
N ASP C 143 -11.51 10.69 -9.73
CA ASP C 143 -12.45 9.92 -10.53
C ASP C 143 -12.26 10.26 -12.01
N ILE C 144 -11.81 9.29 -12.76
CA ILE C 144 -11.47 9.50 -14.17
C ILE C 144 -11.99 8.26 -14.88
N ASN C 145 -12.57 8.46 -16.06
CA ASN C 145 -13.04 7.33 -16.85
C ASN C 145 -12.03 7.07 -17.96
N VAL C 146 -11.53 5.85 -18.02
CA VAL C 146 -10.68 5.41 -19.13
C VAL C 146 -11.49 4.42 -19.93
N LYS C 147 -11.59 4.63 -21.23
CA LYS C 147 -12.26 3.66 -22.07
C LYS C 147 -11.28 3.26 -23.16
N TRP C 148 -11.20 1.96 -23.39
CA TRP C 148 -10.36 1.41 -24.45
C TRP C 148 -11.20 1.11 -25.68
N LYS C 149 -10.69 1.50 -26.83
CA LYS C 149 -11.35 1.18 -28.09
C LYS C 149 -10.40 0.41 -29.00
N ILE C 150 -10.91 -0.66 -29.61
CA ILE C 150 -10.16 -1.50 -30.54
C ILE C 150 -10.92 -1.38 -31.85
N ASP C 151 -10.29 -0.83 -32.87
CA ASP C 151 -10.99 -0.52 -34.16
C ASP C 151 -12.32 0.19 -33.89
N GLY C 152 -12.28 1.15 -32.97
CA GLY C 152 -13.43 1.98 -32.66
C GLY C 152 -14.45 1.40 -31.70
N SER C 153 -14.36 0.11 -31.33
CA SER C 153 -15.39 -0.50 -30.48
C SER C 153 -14.84 -0.67 -29.08
N GLU C 154 -15.69 -0.35 -28.10
CA GLU C 154 -15.28 -0.36 -26.71
C GLU C 154 -14.94 -1.76 -26.23
N ARG C 155 -13.95 -1.86 -25.36
CA ARG C 155 -13.59 -3.13 -24.72
C ARG C 155 -13.44 -2.88 -23.24
N GLN C 156 -14.29 -3.51 -22.42
CA GLN C 156 -14.09 -3.48 -20.98
C GLN C 156 -13.54 -4.78 -20.38
N ASN C 157 -13.45 -5.85 -21.15
CA ASN C 157 -12.94 -7.12 -20.66
C ASN C 157 -11.41 -7.15 -20.75
N GLY C 158 -10.75 -7.53 -19.65
CA GLY C 158 -9.31 -7.56 -19.64
C GLY C 158 -8.62 -6.25 -19.31
N VAL C 159 -9.35 -5.25 -18.77
CA VAL C 159 -8.78 -3.95 -18.42
C VAL C 159 -8.51 -3.92 -16.91
N LEU C 160 -7.28 -3.58 -16.54
CA LEU C 160 -6.83 -3.48 -15.16
C LEU C 160 -6.38 -2.04 -14.92
N ASN C 161 -7.03 -1.37 -13.96
CA ASN C 161 -6.77 0.03 -13.65
C ASN C 161 -6.26 0.16 -12.23
N SER C 162 -5.13 0.87 -12.07
CA SER C 162 -4.47 0.98 -10.77
C SER C 162 -4.10 2.43 -10.53
N TRP C 163 -4.51 3.01 -9.41
CA TRP C 163 -4.21 4.37 -9.02
C TRP C 163 -3.11 4.41 -7.98
N THR C 164 -2.27 5.44 -8.05
CA THR C 164 -1.38 5.72 -6.94
C THR C 164 -2.18 6.32 -5.80
N ASP C 165 -1.56 6.29 -4.61
CA ASP C 165 -2.03 7.16 -3.53
C ASP C 165 -1.86 8.63 -3.94
N GLN C 166 -2.64 9.52 -3.32
CA GLN C 166 -2.47 10.94 -3.62
C GLN C 166 -1.06 11.37 -3.22
N ASP C 167 -0.42 12.14 -4.09
CA ASP C 167 0.96 12.57 -3.85
C ASP C 167 0.96 13.77 -2.92
N SER C 168 1.62 13.65 -1.77
CA SER C 168 1.63 14.80 -0.87
C SER C 168 2.37 15.99 -1.47
N LYS C 169 3.27 15.77 -2.44
CA LYS C 169 3.99 16.89 -3.04
C LYS C 169 3.04 17.86 -3.74
N ASP C 170 2.28 17.37 -4.72
CA ASP C 170 1.36 18.22 -5.47
C ASP C 170 -0.13 17.91 -5.35
N SER C 171 -0.54 16.96 -4.51
CA SER C 171 -1.95 16.60 -4.33
C SER C 171 -2.58 16.03 -5.59
N THR C 172 -1.79 15.47 -6.51
CA THR C 172 -2.40 14.83 -7.66
C THR C 172 -2.45 13.29 -7.51
N TYR C 173 -3.16 12.67 -8.43
CA TYR C 173 -3.16 11.23 -8.62
C TYR C 173 -2.55 10.88 -9.96
N SER C 174 -2.06 9.64 -10.08
CA SER C 174 -1.79 9.06 -11.39
C SER C 174 -2.41 7.68 -11.45
N MET C 175 -2.58 7.17 -12.66
CA MET C 175 -3.18 5.85 -12.78
C MET C 175 -2.64 5.21 -14.04
N SER C 176 -2.57 3.88 -14.01
CA SER C 176 -2.21 3.05 -15.12
C SER C 176 -3.41 2.24 -15.56
N SER C 177 -3.64 2.17 -16.86
CA SER C 177 -4.68 1.31 -17.36
C SER C 177 -4.05 0.32 -18.33
N THR C 178 -4.24 -0.98 -18.10
CA THR C 178 -3.64 -2.00 -18.96
C THR C 178 -4.74 -2.83 -19.59
N LEU C 179 -4.79 -2.88 -20.94
CA LEU C 179 -5.70 -3.74 -21.66
C LEU C 179 -4.97 -5.01 -22.09
N THR C 180 -5.40 -6.17 -21.62
CA THR C 180 -4.73 -7.40 -22.05
C THR C 180 -5.67 -8.17 -22.97
N LEU C 181 -5.12 -8.60 -24.10
CA LEU C 181 -5.91 -9.38 -25.03
C LEU C 181 -5.00 -10.45 -25.62
N THR C 182 -5.62 -11.44 -26.28
CA THR C 182 -4.78 -12.44 -26.89
C THR C 182 -4.02 -11.82 -28.08
N LYS C 183 -2.80 -12.31 -28.30
CA LYS C 183 -2.02 -11.81 -29.41
C LYS C 183 -2.74 -12.02 -30.74
N ASP C 184 -3.52 -13.09 -30.87
CA ASP C 184 -4.22 -13.28 -32.12
C ASP C 184 -5.35 -12.26 -32.27
N GLU C 185 -6.03 -11.91 -31.18
CA GLU C 185 -6.98 -10.81 -31.28
C GLU C 185 -6.28 -9.48 -31.55
N TYR C 186 -5.15 -9.24 -30.87
CA TYR C 186 -4.39 -8.02 -31.12
C TYR C 186 -4.09 -7.87 -32.61
N GLU C 187 -3.67 -8.95 -33.26
CA GLU C 187 -3.31 -8.89 -34.66
C GLU C 187 -4.51 -8.89 -35.59
N ARG C 188 -5.73 -9.07 -35.07
CA ARG C 188 -6.88 -8.97 -35.96
C ARG C 188 -7.38 -7.55 -36.14
N HIS C 189 -6.88 -6.60 -35.35
CA HIS C 189 -7.40 -5.24 -35.36
C HIS C 189 -6.26 -4.24 -35.59
N ASN C 190 -6.64 -3.04 -35.99
CA ASN C 190 -5.69 -2.01 -36.42
C ASN C 190 -5.50 -0.91 -35.39
N SER C 191 -6.55 -0.24 -34.95
CA SER C 191 -6.36 0.92 -34.12
C SER C 191 -6.62 0.55 -32.66
N TYR C 192 -5.88 1.21 -31.77
CA TYR C 192 -5.97 1.02 -30.32
C TYR C 192 -5.95 2.39 -29.69
N THR C 193 -6.98 2.69 -28.90
CA THR C 193 -7.18 4.02 -28.36
C THR C 193 -7.50 3.92 -26.89
N CYS C 194 -6.91 4.83 -26.10
CA CYS C 194 -7.40 5.02 -24.74
C CYS C 194 -7.91 6.45 -24.64
N GLU C 195 -9.11 6.59 -24.08
CA GLU C 195 -9.80 7.87 -23.99
C GLU C 195 -10.06 8.19 -22.52
N ALA C 196 -9.54 9.31 -22.07
CA ALA C 196 -9.72 9.72 -20.68
C ALA C 196 -10.79 10.79 -20.62
N THR C 197 -11.86 10.50 -19.90
CA THR C 197 -12.91 11.50 -19.68
C THR C 197 -12.86 11.92 -18.22
N HIS C 198 -12.65 13.21 -18.02
CA HIS C 198 -12.37 13.75 -16.71
C HIS C 198 -13.16 15.04 -16.60
N LYS C 199 -13.46 15.45 -15.37
CA LYS C 199 -14.27 16.65 -15.21
C LYS C 199 -13.56 17.91 -15.71
N THR C 200 -12.27 17.81 -16.06
CA THR C 200 -11.49 18.95 -16.54
C THR C 200 -11.79 19.34 -17.98
N SER C 201 -12.46 18.50 -18.76
CA SER C 201 -12.91 18.91 -20.09
C SER C 201 -14.12 18.09 -20.49
N THR C 202 -14.97 18.69 -21.32
CA THR C 202 -16.11 17.97 -21.88
C THR C 202 -15.70 17.00 -22.98
N SER C 203 -14.58 17.26 -23.64
CA SER C 203 -13.98 16.45 -24.68
C SER C 203 -12.88 15.55 -24.08
N PRO C 204 -12.91 14.25 -24.34
CA PRO C 204 -11.91 13.37 -23.75
C PRO C 204 -10.53 13.53 -24.37
N ILE C 205 -9.50 13.28 -23.56
CA ILE C 205 -8.16 13.14 -24.09
C ILE C 205 -8.04 11.79 -24.75
N VAL C 206 -7.57 11.78 -25.99
CA VAL C 206 -7.48 10.58 -26.80
C VAL C 206 -6.01 10.35 -27.13
N LYS C 207 -5.50 9.18 -26.81
CA LYS C 207 -4.23 8.73 -27.35
C LYS C 207 -4.46 7.44 -28.11
N SER C 208 -3.90 7.36 -29.32
CA SER C 208 -4.17 6.24 -30.18
C SER C 208 -2.89 5.87 -30.92
N PHE C 209 -2.85 4.62 -31.35
CA PHE C 209 -1.91 4.20 -32.39
C PHE C 209 -2.57 3.19 -33.30
N ASN C 210 -1.99 3.05 -34.51
CA ASN C 210 -2.35 2.03 -35.47
C ASN C 210 -1.24 1.00 -35.55
N ARG C 211 -1.62 -0.28 -35.54
CA ARG C 211 -0.62 -1.36 -35.58
C ARG C 211 0.34 -1.24 -36.75
N ASN C 212 -0.11 -0.75 -37.91
CA ASN C 212 0.81 -0.42 -38.99
C ASN C 212 1.98 0.43 -38.49
N GLU C 213 1.70 1.43 -37.64
CA GLU C 213 2.73 2.22 -36.97
C GLU C 213 3.64 2.90 -37.98
#